data_1FP2
#
_entry.id   1FP2
#
_cell.length_a   145.556
_cell.length_b   50.538
_cell.length_c   63.824
_cell.angle_alpha   90.00
_cell.angle_beta   106.69
_cell.angle_gamma   90.00
#
_symmetry.space_group_name_H-M   'C 1 2 1'
#
loop_
_entity.id
_entity.type
_entity.pdbx_description
1 polymer 'ISOFLAVONE O-METHYLTRANSFERASE'
2 non-polymer S-ADENOSYL-L-HOMOCYSTEINE
3 non-polymer "4'-HYDROXY-7-METHOXYISOFLAVONE"
4 water water
#
_entity_poly.entity_id   1
_entity_poly.type   'polypeptide(L)'
_entity_poly.pdbx_seq_one_letter_code
;MASSINGRKPSEIFKAQALLYKHIYAFIDSMSLKWAVEMNIPNIIQNHGKPISLSNLVSILQVPSSKIGNVRRLMRYLAH
NGFFEIITKEEESYALTVASELLVRGSDLCLAPMVECVLDPTLSGSYHELKKWIYEEDLTLFGVTLGSGFWDFLDKNPEY
NTSFNDAMASDSKLINLALRDCDFVFDGLESIVDVGGGTGTTAKIICETFPKLKCIVFDRPQVVENLSGSNNLTYVGGDM
FTSIPNADAVLLKYILHNWTDKDCLRILKKCKEAVTNDGKRGKVTIIDMVIDKKKDENQVTQIKLLMDVNMACLNGKERN
EEEWKKLFIEAGFQHYKISPLTGFLSLIEIYP
;
_entity_poly.pdbx_strand_id   A
#
loop_
_chem_comp.id
_chem_comp.type
_chem_comp.name
_chem_comp.formula
HMO non-polymer 4'-HYDROXY-7-METHOXYISOFLAVONE 'C16 H12 O4'
#
# COMPACT_ATOMS: atom_id res chain seq x y z
N ARG A 8 37.58 -18.37 -4.15
CA ARG A 8 38.69 -17.96 -3.26
C ARG A 8 39.60 -16.96 -3.98
N LYS A 9 39.63 -15.76 -3.41
CA LYS A 9 40.33 -14.61 -3.93
C LYS A 9 41.21 -14.03 -2.79
N PRO A 10 41.54 -12.73 -2.84
CA PRO A 10 42.34 -12.05 -1.81
C PRO A 10 41.43 -11.42 -0.75
N SER A 11 41.81 -10.26 -0.21
CA SER A 11 40.97 -9.58 0.79
C SER A 11 39.63 -9.01 0.25
N GLU A 12 39.20 -9.49 -0.91
CA GLU A 12 37.91 -9.05 -1.43
C GLU A 12 36.89 -9.97 -0.73
N ILE A 13 37.41 -10.94 0.01
CA ILE A 13 36.58 -11.83 0.78
C ILE A 13 35.95 -11.03 1.94
N PHE A 14 36.75 -10.21 2.62
CA PHE A 14 36.23 -9.41 3.74
C PHE A 14 35.13 -8.46 3.20
N LYS A 15 35.32 -7.91 2.02
CA LYS A 15 34.29 -7.04 1.46
C LYS A 15 32.96 -7.79 1.17
N ALA A 16 33.09 -9.01 0.65
CA ALA A 16 31.93 -9.84 0.33
C ALA A 16 31.25 -10.29 1.63
N GLN A 17 32.07 -10.52 2.66
CA GLN A 17 31.54 -10.89 3.95
C GLN A 17 30.68 -9.71 4.48
N ALA A 18 31.17 -8.49 4.35
CA ALA A 18 30.39 -7.34 4.82
C ALA A 18 29.02 -7.25 4.10
N LEU A 19 29.03 -7.50 2.77
CA LEU A 19 27.78 -7.51 2.02
C LEU A 19 26.84 -8.61 2.52
N LEU A 20 27.35 -9.84 2.67
CA LEU A 20 26.52 -10.94 3.14
C LEU A 20 25.92 -10.57 4.51
N TYR A 21 26.72 -10.06 5.45
CA TYR A 21 26.18 -9.71 6.76
C TYR A 21 25.11 -8.63 6.72
N LYS A 22 25.29 -7.66 5.84
CA LYS A 22 24.32 -6.61 5.70
C LYS A 22 22.98 -7.24 5.37
N HIS A 23 22.99 -8.27 4.51
CA HIS A 23 21.74 -8.87 4.12
C HIS A 23 21.18 -9.89 5.08
N ILE A 24 22.05 -10.65 5.73
CA ILE A 24 21.56 -11.58 6.72
C ILE A 24 20.80 -10.80 7.80
N TYR A 25 21.34 -9.65 8.19
CA TYR A 25 20.71 -8.89 9.29
C TYR A 25 19.82 -7.74 8.85
N ALA A 26 19.47 -7.68 7.56
CA ALA A 26 18.62 -6.60 7.07
C ALA A 26 17.29 -6.48 7.82
N PHE A 27 16.72 -7.57 8.39
CA PHE A 27 15.47 -7.53 9.10
C PHE A 27 15.57 -6.57 10.27
N ILE A 28 16.79 -6.35 10.79
CA ILE A 28 16.93 -5.38 11.90
C ILE A 28 16.55 -3.97 11.49
N ASP A 29 16.71 -3.63 10.21
CA ASP A 29 16.29 -2.30 9.71
C ASP A 29 14.75 -2.22 9.89
N SER A 30 14.04 -3.29 9.57
CA SER A 30 12.58 -3.30 9.70
C SER A 30 12.16 -3.30 11.19
N MET A 31 12.85 -4.10 12.02
CA MET A 31 12.43 -4.23 13.39
C MET A 31 12.77 -3.00 14.23
N SER A 32 13.86 -2.34 13.85
CA SER A 32 14.20 -1.13 14.61
C SER A 32 13.21 0.03 14.28
N LEU A 33 12.71 0.05 13.05
CA LEU A 33 11.75 1.06 12.62
C LEU A 33 10.45 0.76 13.32
N LYS A 34 10.02 -0.49 13.36
CA LYS A 34 8.83 -0.89 14.10
C LYS A 34 8.95 -0.47 15.58
N TRP A 35 10.14 -0.68 16.17
CA TRP A 35 10.35 -0.30 17.54
C TRP A 35 10.16 1.20 17.75
N ALA A 36 10.72 2.00 16.86
CA ALA A 36 10.55 3.45 17.04
C ALA A 36 9.06 3.87 17.00
N VAL A 37 8.27 3.31 16.11
CA VAL A 37 6.86 3.62 16.02
C VAL A 37 6.13 3.08 17.28
N GLU A 38 6.41 1.86 17.72
CA GLU A 38 5.73 1.32 18.90
C GLU A 38 6.05 2.09 20.16
N MET A 39 7.28 2.61 20.24
CA MET A 39 7.66 3.42 21.40
C MET A 39 7.13 4.83 21.29
N ASN A 40 6.51 5.20 20.15
CA ASN A 40 5.90 6.52 19.90
C ASN A 40 6.94 7.63 19.86
N ILE A 41 8.15 7.29 19.44
CA ILE A 41 9.20 8.30 19.43
C ILE A 41 9.01 9.49 18.50
N PRO A 42 8.56 9.29 17.25
CA PRO A 42 8.35 10.42 16.36
C PRO A 42 7.35 11.43 17.01
N ASN A 43 6.25 10.95 17.57
CA ASN A 43 5.30 11.88 18.16
C ASN A 43 5.87 12.57 19.42
N ILE A 44 6.64 11.84 20.23
CA ILE A 44 7.23 12.44 21.41
C ILE A 44 8.11 13.58 20.97
N ILE A 45 8.91 13.39 19.91
CA ILE A 45 9.77 14.47 19.48
C ILE A 45 8.98 15.65 18.92
N GLN A 46 7.95 15.37 18.10
CA GLN A 46 7.12 16.42 17.56
C GLN A 46 6.50 17.25 18.71
N ASN A 47 5.97 16.56 19.72
CA ASN A 47 5.30 17.23 20.86
C ASN A 47 6.31 18.02 21.67
N HIS A 48 7.55 17.58 21.70
CA HIS A 48 8.61 18.28 22.44
C HIS A 48 8.89 19.65 21.83
N GLY A 49 8.69 19.79 20.52
CA GLY A 49 8.90 21.03 19.80
C GLY A 49 10.31 21.42 19.43
N LYS A 50 11.25 20.57 19.78
CA LYS A 50 12.67 20.76 19.52
C LYS A 50 13.36 19.40 19.59
N PRO A 51 14.64 19.32 19.18
CA PRO A 51 15.32 18.01 19.26
C PRO A 51 15.36 17.57 20.74
N ILE A 52 15.14 16.29 20.99
CA ILE A 52 15.07 15.83 22.34
C ILE A 52 16.38 15.19 22.85
N SER A 53 16.80 15.53 24.07
CA SER A 53 18.03 14.96 24.61
C SER A 53 17.80 13.48 24.95
N LEU A 54 18.87 12.68 24.96
CA LEU A 54 18.69 11.28 25.32
C LEU A 54 18.10 11.20 26.72
N SER A 55 18.53 12.07 27.65
CA SER A 55 18.01 11.93 29.02
C SER A 55 16.52 12.26 29.10
N ASN A 56 16.07 13.28 28.37
CA ASN A 56 14.65 13.61 28.36
C ASN A 56 13.85 12.49 27.67
N LEU A 57 14.42 11.92 26.59
CA LEU A 57 13.73 10.84 25.91
C LEU A 57 13.54 9.64 26.81
N VAL A 58 14.59 9.15 27.46
CA VAL A 58 14.40 7.98 28.29
C VAL A 58 13.57 8.33 29.53
N SER A 59 13.51 9.61 29.91
CA SER A 59 12.67 10.00 31.07
C SER A 59 11.21 9.83 30.63
N ILE A 60 10.88 10.39 29.48
CA ILE A 60 9.50 10.24 28.98
C ILE A 60 9.14 8.76 28.77
N LEU A 61 10.05 7.97 28.20
CA LEU A 61 9.76 6.56 27.95
C LEU A 61 9.67 5.71 29.20
N GLN A 62 10.32 6.16 30.27
CA GLN A 62 10.36 5.41 31.53
C GLN A 62 10.98 4.00 31.39
N VAL A 63 12.02 3.90 30.57
CA VAL A 63 12.73 2.64 30.43
C VAL A 63 13.65 2.50 31.65
N PRO A 64 13.98 1.26 32.01
CA PRO A 64 14.87 1.01 33.16
C PRO A 64 16.25 1.52 32.83
N SER A 65 17.00 1.96 33.84
CA SER A 65 18.33 2.51 33.58
C SER A 65 19.26 1.52 32.85
N SER A 66 19.10 0.22 33.12
CA SER A 66 19.89 -0.84 32.49
C SER A 66 19.68 -0.92 30.98
N LYS A 67 18.60 -0.31 30.48
CA LYS A 67 18.34 -0.32 29.04
C LYS A 67 18.46 1.04 28.37
N ILE A 68 18.86 2.06 29.11
CA ILE A 68 19.04 3.37 28.51
C ILE A 68 20.10 3.31 27.37
N GLY A 69 21.23 2.64 27.62
CA GLY A 69 22.27 2.53 26.58
C GLY A 69 21.74 1.85 25.34
N ASN A 70 20.84 0.89 25.55
CA ASN A 70 20.22 0.22 24.40
C ASN A 70 19.31 1.17 23.61
N VAL A 71 18.61 2.08 24.31
CA VAL A 71 17.80 3.05 23.60
C VAL A 71 18.78 3.91 22.76
N ARG A 72 19.89 4.37 23.34
CA ARG A 72 20.85 5.19 22.60
C ARG A 72 21.40 4.43 21.37
N ARG A 73 21.71 3.16 21.56
CA ARG A 73 22.27 2.40 20.42
C ARG A 73 21.25 2.28 19.27
N LEU A 74 19.99 2.05 19.62
CA LEU A 74 18.94 1.96 18.61
C LEU A 74 18.69 3.31 17.94
N MET A 75 18.69 4.40 18.73
CA MET A 75 18.48 5.70 18.13
C MET A 75 19.56 6.09 17.13
N ARG A 76 20.80 5.79 17.48
CA ARG A 76 21.90 6.11 16.58
C ARG A 76 21.84 5.28 15.30
N TYR A 77 21.38 4.04 15.43
CA TYR A 77 21.23 3.15 14.26
C TYR A 77 20.12 3.71 13.36
N LEU A 78 18.97 4.09 13.95
CA LEU A 78 17.91 4.71 13.17
C LEU A 78 18.32 6.05 12.55
N ALA A 79 19.14 6.82 13.29
CA ALA A 79 19.56 8.11 12.76
C ALA A 79 20.45 7.95 11.50
N HIS A 80 21.40 7.03 11.56
CA HIS A 80 22.26 6.78 10.42
C HIS A 80 21.43 6.35 9.21
N ASN A 81 20.33 5.65 9.47
CA ASN A 81 19.43 5.27 8.38
C ASN A 81 18.60 6.41 7.85
N GLY A 82 18.59 7.54 8.54
CA GLY A 82 17.87 8.68 8.02
C GLY A 82 16.59 9.04 8.71
N PHE A 83 16.31 8.34 9.80
CA PHE A 83 15.06 8.62 10.48
C PHE A 83 15.14 9.65 11.58
N PHE A 84 16.34 10.05 11.99
CA PHE A 84 16.50 11.08 12.99
C PHE A 84 17.81 11.80 12.64
N GLU A 85 17.91 13.05 13.08
CA GLU A 85 19.15 13.79 12.90
C GLU A 85 19.75 13.98 14.30
N ILE A 86 21.02 13.58 14.50
CA ILE A 86 21.65 13.76 15.80
C ILE A 86 22.27 15.17 15.84
N ILE A 87 21.99 15.88 16.92
CA ILE A 87 22.53 17.23 17.14
C ILE A 87 23.27 17.09 18.45
N THR A 88 24.55 17.49 18.46
CA THR A 88 25.36 17.38 19.68
C THR A 88 25.77 18.75 20.22
N LYS A 89 25.56 18.93 21.52
CA LYS A 89 25.92 20.17 22.24
C LYS A 89 26.30 19.62 23.61
N GLU A 90 25.73 20.17 24.67
CA GLU A 90 26.04 19.64 25.98
C GLU A 90 25.62 18.17 26.04
N GLU A 91 24.60 17.81 25.26
CA GLU A 91 24.13 16.44 25.25
C GLU A 91 23.87 16.04 23.80
N GLU A 92 23.63 14.76 23.60
CA GLU A 92 23.25 14.27 22.28
C GLU A 92 21.72 14.41 22.23
N SER A 93 21.21 15.03 21.16
CA SER A 93 19.78 15.22 20.98
C SER A 93 19.34 14.62 19.63
N TYR A 94 18.05 14.30 19.52
CA TYR A 94 17.49 13.69 18.32
C TYR A 94 16.39 14.51 17.73
N ALA A 95 16.54 14.84 16.44
CA ALA A 95 15.56 15.63 15.72
C ALA A 95 14.87 14.80 14.66
N LEU A 96 13.62 15.14 14.35
CA LEU A 96 12.90 14.46 13.25
C LEU A 96 13.58 14.80 11.92
N THR A 97 13.31 13.98 10.91
CA THR A 97 13.76 14.19 9.56
C THR A 97 12.49 14.12 8.69
N VAL A 98 12.60 14.38 7.40
CA VAL A 98 11.40 14.33 6.59
C VAL A 98 10.83 12.91 6.64
N ALA A 99 11.68 11.90 6.69
CA ALA A 99 11.22 10.52 6.75
C ALA A 99 10.48 10.19 8.07
N SER A 100 10.98 10.65 9.20
CA SER A 100 10.23 10.35 10.43
C SER A 100 9.02 11.31 10.60
N GLU A 101 8.98 12.40 9.86
CA GLU A 101 7.79 13.26 9.92
C GLU A 101 6.62 12.47 9.30
N LEU A 102 6.92 11.51 8.43
CA LEU A 102 5.89 10.68 7.83
C LEU A 102 5.28 9.77 8.90
N LEU A 103 5.86 9.74 10.10
CA LEU A 103 5.37 8.83 11.18
C LEU A 103 4.63 9.60 12.30
N VAL A 104 4.50 10.91 12.13
CA VAL A 104 3.87 11.79 13.12
C VAL A 104 2.38 11.87 12.86
N ARG A 105 1.62 11.58 13.90
CA ARG A 105 0.16 11.59 13.81
C ARG A 105 -0.36 12.93 13.41
N GLY A 106 -1.41 12.94 12.62
CA GLY A 106 -1.98 14.23 12.29
C GLY A 106 -1.08 15.08 11.41
N SER A 107 0.03 14.50 10.99
CA SER A 107 0.91 15.20 10.06
C SER A 107 0.05 15.06 8.79
N ASP A 108 0.36 15.79 7.72
CA ASP A 108 -0.40 15.72 6.47
C ASP A 108 -0.52 14.30 5.90
N LEU A 109 0.62 13.64 5.77
CA LEU A 109 0.70 12.28 5.26
C LEU A 109 1.37 11.44 6.35
N CYS A 110 0.61 10.57 6.98
CA CYS A 110 1.15 9.73 8.06
C CYS A 110 1.11 8.26 7.69
N LEU A 111 2.27 7.64 7.54
CA LEU A 111 2.32 6.25 7.12
C LEU A 111 2.66 5.31 8.26
N ALA A 112 2.58 5.78 9.50
CA ALA A 112 2.89 4.84 10.61
C ALA A 112 1.97 3.65 10.58
N PRO A 113 0.69 3.80 10.21
CA PRO A 113 -0.14 2.57 10.18
C PRO A 113 0.30 1.52 9.20
N MET A 114 1.00 1.92 8.16
CA MET A 114 1.54 1.00 7.16
C MET A 114 2.70 0.23 7.80
N VAL A 115 3.56 0.90 8.58
CA VAL A 115 4.66 0.21 9.26
C VAL A 115 4.09 -0.87 10.16
N GLU A 116 3.06 -0.53 10.95
CA GLU A 116 2.53 -1.50 11.90
C GLU A 116 1.81 -2.64 11.26
N CYS A 117 1.05 -2.36 10.19
CA CYS A 117 0.35 -3.43 9.53
C CYS A 117 1.32 -4.46 8.90
N VAL A 118 2.21 -3.98 8.06
CA VAL A 118 3.13 -4.85 7.35
C VAL A 118 4.03 -5.64 8.30
N LEU A 119 4.45 -4.98 9.38
CA LEU A 119 5.37 -5.68 10.28
C LEU A 119 4.77 -6.51 11.40
N ASP A 120 3.50 -6.85 11.23
CA ASP A 120 2.82 -7.79 12.13
C ASP A 120 3.69 -9.06 12.09
N PRO A 121 3.92 -9.72 13.23
CA PRO A 121 4.77 -10.91 13.20
C PRO A 121 4.31 -12.05 12.33
N THR A 122 3.00 -12.27 12.27
CA THR A 122 2.47 -13.38 11.47
C THR A 122 2.55 -13.06 9.98
N LEU A 123 2.17 -11.84 9.61
CA LEU A 123 2.23 -11.51 8.20
C LEU A 123 3.66 -11.43 7.66
N SER A 124 4.51 -10.66 8.30
CA SER A 124 5.88 -10.52 7.84
C SER A 124 6.67 -11.82 8.02
N GLY A 125 6.32 -12.55 9.09
CA GLY A 125 6.92 -13.86 9.34
C GLY A 125 6.62 -14.88 8.25
N SER A 126 5.56 -14.65 7.45
CA SER A 126 5.22 -15.56 6.38
C SER A 126 6.32 -15.69 5.34
N TYR A 127 7.23 -14.68 5.27
CA TYR A 127 8.25 -14.68 4.24
C TYR A 127 9.36 -15.68 4.54
N HIS A 128 9.29 -16.30 5.74
CA HIS A 128 10.22 -17.40 6.06
C HIS A 128 9.87 -18.64 5.24
N GLU A 129 8.65 -18.65 4.68
CA GLU A 129 8.17 -19.81 3.92
C GLU A 129 8.19 -19.59 2.40
N LEU A 130 9.08 -18.74 1.89
CA LEU A 130 9.16 -18.54 0.43
C LEU A 130 9.43 -19.91 -0.26
N LYS A 131 10.29 -20.78 0.30
CA LYS A 131 10.55 -22.10 -0.34
C LYS A 131 9.24 -22.95 -0.45
N LYS A 132 8.51 -23.17 0.62
CA LYS A 132 7.26 -23.93 0.52
C LYS A 132 6.32 -23.31 -0.54
N TRP A 133 6.23 -21.97 -0.52
CA TRP A 133 5.36 -21.28 -1.47
C TRP A 133 5.80 -21.42 -2.93
N ILE A 134 7.09 -21.39 -3.19
CA ILE A 134 7.54 -21.47 -4.59
C ILE A 134 7.20 -22.85 -5.16
N TYR A 135 6.96 -23.83 -4.28
CA TYR A 135 6.59 -25.18 -4.73
C TYR A 135 5.10 -25.39 -4.83
N GLU A 136 4.30 -24.39 -4.45
CA GLU A 136 2.85 -24.53 -4.52
C GLU A 136 2.34 -24.11 -5.90
N GLU A 137 1.55 -24.95 -6.55
CA GLU A 137 1.04 -24.57 -7.86
C GLU A 137 0.08 -23.40 -7.79
N ASP A 138 -0.77 -23.37 -6.77
CA ASP A 138 -1.78 -22.34 -6.66
C ASP A 138 -1.77 -21.39 -5.46
N LEU A 139 -1.38 -21.86 -4.29
CA LEU A 139 -1.46 -21.04 -3.09
C LEU A 139 -0.61 -19.78 -3.18
N THR A 140 -1.12 -18.72 -2.56
CA THR A 140 -0.38 -17.45 -2.44
C THR A 140 0.51 -17.66 -1.19
N LEU A 141 1.49 -16.77 -0.96
CA LEU A 141 2.32 -16.93 0.23
C LEU A 141 1.44 -16.85 1.50
N PHE A 142 0.55 -15.87 1.60
CA PHE A 142 -0.29 -15.84 2.77
C PHE A 142 -1.19 -17.08 2.88
N GLY A 143 -1.59 -17.65 1.75
CA GLY A 143 -2.42 -18.85 1.78
C GLY A 143 -1.69 -20.03 2.44
N VAL A 144 -0.40 -20.11 2.20
CA VAL A 144 0.45 -21.12 2.78
C VAL A 144 0.57 -20.98 4.29
N THR A 145 0.70 -19.74 4.79
CA THR A 145 0.96 -19.50 6.20
C THR A 145 -0.25 -19.24 7.07
N LEU A 146 -1.33 -18.67 6.51
CA LEU A 146 -2.50 -18.35 7.30
C LEU A 146 -3.52 -19.45 7.24
N GLY A 147 -3.42 -20.35 6.27
CA GLY A 147 -4.41 -21.44 6.24
C GLY A 147 -5.72 -21.10 5.54
N SER A 148 -5.80 -19.89 4.99
CA SER A 148 -6.99 -19.52 4.23
C SER A 148 -6.52 -18.40 3.38
N GLY A 149 -7.36 -17.97 2.43
CA GLY A 149 -6.96 -16.83 1.60
C GLY A 149 -6.97 -15.59 2.48
N PHE A 150 -6.28 -14.53 2.06
CA PHE A 150 -6.18 -13.30 2.83
C PHE A 150 -7.54 -12.61 3.16
N TRP A 151 -8.43 -12.50 2.19
CA TRP A 151 -9.65 -11.79 2.49
C TRP A 151 -10.52 -12.54 3.50
N ASP A 152 -10.61 -13.86 3.35
CA ASP A 152 -11.34 -14.66 4.32
C ASP A 152 -10.71 -14.48 5.69
N PHE A 153 -9.37 -14.49 5.71
CA PHE A 153 -8.62 -14.29 6.95
C PHE A 153 -9.03 -12.95 7.61
N LEU A 154 -9.10 -11.87 6.83
CA LEU A 154 -9.47 -10.59 7.45
C LEU A 154 -10.89 -10.67 8.03
N ASP A 155 -11.77 -11.41 7.37
CA ASP A 155 -13.15 -11.48 7.85
C ASP A 155 -13.27 -12.16 9.19
N LYS A 156 -12.34 -13.08 9.46
CA LYS A 156 -12.32 -13.85 10.72
C LYS A 156 -11.48 -13.23 11.82
N ASN A 157 -10.72 -12.19 11.50
CA ASN A 157 -9.80 -11.60 12.46
C ASN A 157 -9.94 -10.09 12.47
N PRO A 158 -10.92 -9.58 13.22
CA PRO A 158 -11.19 -8.15 13.30
C PRO A 158 -9.99 -7.24 13.50
N GLU A 159 -9.10 -7.59 14.41
CA GLU A 159 -7.95 -6.73 14.64
C GLU A 159 -7.08 -6.63 13.39
N TYR A 160 -7.01 -7.73 12.64
CA TYR A 160 -6.21 -7.69 11.42
C TYR A 160 -6.94 -6.87 10.35
N ASN A 161 -8.26 -6.97 10.32
CA ASN A 161 -9.02 -6.20 9.36
C ASN A 161 -8.85 -4.69 9.66
N THR A 162 -8.87 -4.30 10.93
CA THR A 162 -8.71 -2.92 11.32
C THR A 162 -7.33 -2.42 10.92
N SER A 163 -6.31 -3.21 11.25
CA SER A 163 -4.96 -2.83 10.92
C SER A 163 -4.76 -2.63 9.38
N PHE A 164 -5.31 -3.57 8.60
CA PHE A 164 -5.22 -3.48 7.14
C PHE A 164 -6.00 -2.23 6.67
N ASN A 165 -7.21 -1.98 7.18
CA ASN A 165 -7.94 -0.80 6.73
C ASN A 165 -7.22 0.48 7.08
N ASP A 166 -6.64 0.55 8.27
CA ASP A 166 -5.92 1.76 8.65
C ASP A 166 -4.70 1.95 7.74
N ALA A 167 -4.06 0.86 7.38
CA ALA A 167 -2.90 0.94 6.51
C ALA A 167 -3.36 1.46 5.13
N MET A 168 -4.43 0.88 4.57
CA MET A 168 -4.91 1.38 3.26
C MET A 168 -5.35 2.84 3.36
N ALA A 169 -5.90 3.26 4.49
CA ALA A 169 -6.34 4.63 4.62
C ALA A 169 -5.19 5.63 4.67
N SER A 170 -4.05 5.18 5.17
CA SER A 170 -2.91 6.07 5.39
C SER A 170 -2.41 6.88 4.19
N ASP A 171 -2.42 6.35 2.98
CA ASP A 171 -2.03 7.23 1.85
C ASP A 171 -3.29 7.55 1.02
N SER A 172 -4.47 7.28 1.56
CA SER A 172 -5.66 7.52 0.76
C SER A 172 -5.97 8.95 0.38
N LYS A 173 -5.81 9.89 1.31
CA LYS A 173 -6.14 11.29 0.99
C LYS A 173 -5.35 11.77 -0.24
N LEU A 174 -4.05 11.52 -0.24
CA LEU A 174 -3.17 11.94 -1.32
C LEU A 174 -3.57 11.39 -2.72
N ILE A 175 -3.88 10.11 -2.75
CA ILE A 175 -4.23 9.45 -4.01
C ILE A 175 -5.62 9.88 -4.41
N ASN A 176 -6.54 9.92 -3.46
CA ASN A 176 -7.92 10.25 -3.79
C ASN A 176 -8.04 11.69 -4.24
N LEU A 177 -7.29 12.59 -3.62
CA LEU A 177 -7.35 13.99 -4.08
C LEU A 177 -6.70 14.09 -5.47
N ALA A 178 -5.61 13.35 -5.74
CA ALA A 178 -5.03 13.40 -7.07
C ALA A 178 -6.05 12.86 -8.10
N LEU A 179 -6.76 11.81 -7.72
CA LEU A 179 -7.78 11.29 -8.63
C LEU A 179 -8.92 12.27 -8.89
N ARG A 180 -9.50 12.86 -7.87
CA ARG A 180 -10.66 13.74 -8.11
C ARG A 180 -10.25 15.00 -8.86
N ASP A 181 -8.95 15.31 -8.85
CA ASP A 181 -8.45 16.50 -9.63
C ASP A 181 -8.27 16.17 -11.11
N CYS A 182 -8.43 14.91 -11.48
CA CYS A 182 -8.33 14.50 -12.88
C CYS A 182 -9.67 14.66 -13.61
N ASP A 183 -9.94 15.84 -14.16
CA ASP A 183 -11.22 16.02 -14.84
C ASP A 183 -11.46 15.11 -15.99
N PHE A 184 -10.42 14.75 -16.71
CA PHE A 184 -10.57 13.88 -17.84
C PHE A 184 -11.15 12.51 -17.45
N VAL A 185 -10.94 12.10 -16.18
CA VAL A 185 -11.52 10.84 -15.77
C VAL A 185 -13.02 10.99 -15.58
N PHE A 186 -13.44 12.12 -14.98
CA PHE A 186 -14.84 12.23 -14.65
C PHE A 186 -15.77 12.96 -15.62
N ASP A 187 -15.21 13.67 -16.57
CA ASP A 187 -16.00 14.38 -17.57
C ASP A 187 -17.06 13.51 -18.24
N GLY A 188 -18.30 13.97 -18.21
CA GLY A 188 -19.35 13.24 -18.88
C GLY A 188 -19.92 12.04 -18.15
N LEU A 189 -19.29 11.58 -17.07
CA LEU A 189 -19.89 10.42 -16.39
C LEU A 189 -21.16 10.74 -15.68
N GLU A 190 -22.07 9.78 -15.67
CA GLU A 190 -23.26 9.92 -14.90
C GLU A 190 -23.21 8.94 -13.73
N SER A 191 -22.39 7.88 -13.86
CA SER A 191 -22.29 6.88 -12.80
C SER A 191 -20.90 6.22 -12.87
N ILE A 192 -20.46 5.75 -11.71
CA ILE A 192 -19.20 5.04 -11.60
C ILE A 192 -19.33 3.99 -10.50
N VAL A 193 -18.71 2.84 -10.68
CA VAL A 193 -18.67 1.82 -9.65
C VAL A 193 -17.19 1.64 -9.25
N ASP A 194 -16.92 1.76 -7.95
CA ASP A 194 -15.55 1.55 -7.41
C ASP A 194 -15.48 0.10 -6.99
N VAL A 195 -14.81 -0.71 -7.82
CA VAL A 195 -14.76 -2.15 -7.62
C VAL A 195 -13.65 -2.49 -6.62
N GLY A 196 -14.03 -3.22 -5.57
CA GLY A 196 -13.09 -3.41 -4.43
C GLY A 196 -12.94 -2.05 -3.73
N GLY A 197 -14.03 -1.25 -3.66
CA GLY A 197 -14.03 0.09 -3.09
C GLY A 197 -13.90 0.22 -1.57
N GLY A 198 -13.75 -0.92 -0.93
CA GLY A 198 -13.58 -0.86 0.53
C GLY A 198 -14.79 -0.33 1.30
N THR A 199 -14.52 0.61 2.23
CA THR A 199 -15.59 1.17 3.02
C THR A 199 -16.06 2.49 2.39
N GLY A 200 -15.60 2.76 1.16
CA GLY A 200 -16.05 3.95 0.46
C GLY A 200 -15.20 5.20 0.60
N THR A 201 -13.98 5.04 1.04
CA THR A 201 -13.12 6.20 1.21
C THR A 201 -12.94 7.03 -0.05
N THR A 202 -12.60 6.33 -1.14
CA THR A 202 -12.43 7.03 -2.43
C THR A 202 -13.75 7.58 -2.92
N ALA A 203 -14.81 6.79 -2.86
CA ALA A 203 -16.11 7.25 -3.35
C ALA A 203 -16.60 8.51 -2.66
N LYS A 204 -16.38 8.62 -1.36
CA LYS A 204 -16.85 9.80 -0.64
C LYS A 204 -16.17 11.05 -1.19
N ILE A 205 -14.87 10.95 -1.47
CA ILE A 205 -14.16 12.14 -2.01
C ILE A 205 -14.68 12.44 -3.43
N ILE A 206 -14.94 11.39 -4.19
CA ILE A 206 -15.49 11.57 -5.52
C ILE A 206 -16.85 12.27 -5.42
N CYS A 207 -17.71 11.83 -4.49
CA CYS A 207 -19.03 12.44 -4.41
C CYS A 207 -19.00 13.89 -3.89
N GLU A 208 -18.04 14.17 -3.00
CA GLU A 208 -17.92 15.52 -2.44
C GLU A 208 -17.52 16.49 -3.53
N THR A 209 -16.76 15.98 -4.50
CA THR A 209 -16.27 16.72 -5.64
C THR A 209 -17.29 16.86 -6.76
N PHE A 210 -18.03 15.77 -7.00
CA PHE A 210 -19.00 15.73 -8.10
C PHE A 210 -20.32 15.32 -7.50
N PRO A 211 -21.05 16.30 -6.92
CA PRO A 211 -22.34 16.03 -6.26
C PRO A 211 -23.44 15.44 -7.08
N LYS A 212 -23.34 15.49 -8.40
CA LYS A 212 -24.42 14.91 -9.18
C LYS A 212 -24.09 13.53 -9.71
N LEU A 213 -22.87 13.07 -9.46
CA LEU A 213 -22.45 11.76 -9.99
C LEU A 213 -22.93 10.62 -9.12
N LYS A 214 -23.46 9.55 -9.72
CA LYS A 214 -23.90 8.40 -8.94
C LYS A 214 -22.66 7.53 -8.72
N CYS A 215 -22.41 7.12 -7.49
CA CYS A 215 -21.24 6.29 -7.23
C CYS A 215 -21.65 5.09 -6.43
N ILE A 216 -21.25 3.93 -6.89
CA ILE A 216 -21.54 2.66 -6.17
C ILE A 216 -20.23 2.15 -5.58
N VAL A 217 -20.19 1.88 -4.28
CA VAL A 217 -19.01 1.29 -3.65
C VAL A 217 -19.31 -0.21 -3.68
N PHE A 218 -18.50 -0.98 -4.40
CA PHE A 218 -18.72 -2.41 -4.55
C PHE A 218 -17.60 -3.20 -3.88
N ASP A 219 -17.94 -4.07 -2.93
CA ASP A 219 -16.88 -4.85 -2.30
C ASP A 219 -17.59 -6.12 -1.74
N ARG A 220 -16.83 -6.94 -1.03
CA ARG A 220 -17.38 -8.19 -0.48
C ARG A 220 -18.44 -7.85 0.54
N PRO A 221 -19.45 -8.75 0.67
CA PRO A 221 -20.53 -8.48 1.61
C PRO A 221 -20.11 -8.15 3.03
N GLN A 222 -19.10 -8.84 3.56
CA GLN A 222 -18.70 -8.52 4.92
C GLN A 222 -18.07 -7.15 5.08
N VAL A 223 -17.49 -6.64 4.01
CA VAL A 223 -16.86 -5.35 4.06
C VAL A 223 -17.92 -4.24 4.06
N VAL A 224 -18.95 -4.38 3.25
CA VAL A 224 -19.89 -3.25 3.17
C VAL A 224 -21.15 -3.42 3.99
N GLU A 225 -21.23 -4.51 4.75
CA GLU A 225 -22.41 -4.73 5.58
C GLU A 225 -22.56 -3.63 6.62
N ASN A 226 -23.78 -3.21 6.80
CA ASN A 226 -24.09 -2.17 7.76
C ASN A 226 -23.52 -0.81 7.40
N LEU A 227 -22.98 -0.64 6.18
CA LEU A 227 -22.52 0.70 5.83
C LEU A 227 -23.69 1.41 5.21
N SER A 228 -23.83 2.70 5.49
CA SER A 228 -24.94 3.46 4.93
C SER A 228 -24.44 4.53 3.99
N GLY A 229 -25.10 4.65 2.86
CA GLY A 229 -24.68 5.66 1.91
C GLY A 229 -25.50 6.91 2.08
N SER A 230 -25.56 7.73 1.04
CA SER A 230 -26.35 8.93 1.11
C SER A 230 -26.27 9.69 -0.19
N ASN A 231 -27.40 10.24 -0.59
CA ASN A 231 -27.48 11.01 -1.82
C ASN A 231 -26.41 10.65 -2.83
N ASN A 232 -26.81 9.84 -3.79
CA ASN A 232 -25.94 9.42 -4.86
C ASN A 232 -24.86 8.40 -4.56
N LEU A 233 -24.52 8.17 -3.27
CA LEU A 233 -23.52 7.16 -2.89
C LEU A 233 -24.23 5.96 -2.28
N THR A 234 -24.06 4.78 -2.88
CA THR A 234 -24.66 3.56 -2.37
C THR A 234 -23.62 2.47 -2.24
N TYR A 235 -23.91 1.44 -1.47
CA TYR A 235 -22.99 0.32 -1.28
C TYR A 235 -23.65 -0.93 -1.81
N VAL A 236 -22.88 -1.75 -2.51
CA VAL A 236 -23.35 -3.05 -3.03
C VAL A 236 -22.34 -4.13 -2.64
N GLY A 237 -22.87 -5.18 -2.00
CA GLY A 237 -22.03 -6.32 -1.61
C GLY A 237 -22.05 -7.38 -2.70
N GLY A 238 -20.88 -7.88 -3.11
CA GLY A 238 -20.86 -8.88 -4.16
C GLY A 238 -19.51 -9.52 -4.35
N ASP A 239 -19.30 -10.10 -5.54
CA ASP A 239 -18.06 -10.79 -5.88
C ASP A 239 -17.70 -10.31 -7.28
N MET A 240 -16.54 -9.64 -7.41
CA MET A 240 -16.14 -9.12 -8.69
C MET A 240 -15.83 -10.20 -9.71
N PHE A 241 -15.65 -11.45 -9.27
CA PHE A 241 -15.37 -12.52 -10.22
C PHE A 241 -16.67 -13.08 -10.81
N THR A 242 -17.80 -12.68 -10.25
CA THR A 242 -19.12 -13.16 -10.65
C THR A 242 -20.00 -12.15 -11.34
N SER A 243 -20.11 -10.93 -10.80
CA SER A 243 -20.94 -9.91 -11.42
C SER A 243 -20.65 -8.56 -10.80
N ILE A 244 -20.36 -7.58 -11.65
CA ILE A 244 -20.11 -6.23 -11.19
C ILE A 244 -21.26 -5.34 -11.69
N PRO A 245 -21.85 -4.50 -10.82
CA PRO A 245 -22.96 -3.64 -11.29
C PRO A 245 -22.64 -2.77 -12.50
N ASN A 246 -23.63 -2.64 -13.40
CA ASN A 246 -23.45 -1.73 -14.54
C ASN A 246 -23.22 -0.29 -14.08
N ALA A 247 -22.33 0.38 -14.81
CA ALA A 247 -22.12 1.82 -14.57
C ALA A 247 -21.41 2.36 -15.83
N ASP A 248 -21.25 3.70 -15.92
CA ASP A 248 -20.59 4.27 -17.08
C ASP A 248 -19.06 4.01 -17.01
N ALA A 249 -18.54 3.74 -15.81
CA ALA A 249 -17.14 3.50 -15.64
C ALA A 249 -16.92 2.66 -14.40
N VAL A 250 -15.79 1.96 -14.41
CA VAL A 250 -15.36 1.16 -13.23
C VAL A 250 -14.04 1.72 -12.76
N LEU A 251 -13.88 1.86 -11.47
CA LEU A 251 -12.58 2.25 -10.86
C LEU A 251 -11.97 1.01 -10.18
N LEU A 252 -10.68 0.79 -10.40
CA LEU A 252 -9.95 -0.32 -9.74
C LEU A 252 -8.71 0.33 -9.07
N LYS A 253 -8.81 0.68 -7.78
CA LYS A 253 -7.67 1.31 -7.08
C LYS A 253 -7.01 0.27 -6.21
N TYR A 254 -5.73 0.02 -6.48
CA TYR A 254 -4.96 -1.00 -5.70
C TYR A 254 -5.65 -2.38 -5.73
N ILE A 255 -6.27 -2.75 -6.85
CA ILE A 255 -6.92 -4.09 -6.98
C ILE A 255 -6.06 -5.05 -7.79
N LEU A 256 -5.79 -4.71 -9.06
CA LEU A 256 -5.09 -5.63 -9.96
C LEU A 256 -3.72 -6.09 -9.54
N HIS A 257 -3.02 -5.27 -8.80
CA HIS A 257 -1.67 -5.74 -8.40
C HIS A 257 -1.74 -6.84 -7.34
N ASN A 258 -2.94 -7.14 -6.82
CA ASN A 258 -3.10 -8.20 -5.81
C ASN A 258 -3.44 -9.54 -6.46
N TRP A 259 -3.37 -9.68 -7.79
CA TRP A 259 -3.81 -10.92 -8.45
C TRP A 259 -2.89 -11.37 -9.58
N THR A 260 -2.85 -12.68 -9.81
CA THR A 260 -2.09 -13.18 -10.93
C THR A 260 -2.66 -12.67 -12.27
N ASP A 261 -1.90 -12.83 -13.35
CA ASP A 261 -2.41 -12.44 -14.65
C ASP A 261 -3.73 -13.18 -14.93
N LYS A 262 -3.81 -14.47 -14.61
CA LYS A 262 -5.04 -15.23 -14.87
C LYS A 262 -6.26 -14.61 -14.13
N ASP A 263 -6.08 -14.29 -12.85
CA ASP A 263 -7.16 -13.70 -12.09
C ASP A 263 -7.47 -12.28 -12.56
N CYS A 264 -6.45 -11.53 -12.98
CA CYS A 264 -6.70 -10.16 -13.48
C CYS A 264 -7.55 -10.26 -14.72
N LEU A 265 -7.29 -11.27 -15.57
CA LEU A 265 -8.14 -11.41 -16.77
C LEU A 265 -9.59 -11.68 -16.37
N ARG A 266 -9.80 -12.50 -15.36
CA ARG A 266 -11.19 -12.73 -14.92
C ARG A 266 -11.86 -11.41 -14.46
N ILE A 267 -11.19 -10.63 -13.62
CA ILE A 267 -11.72 -9.37 -13.13
C ILE A 267 -11.97 -8.41 -14.32
N LEU A 268 -10.96 -8.26 -15.21
CA LEU A 268 -11.11 -7.34 -16.35
C LEU A 268 -12.30 -7.75 -17.25
N LYS A 269 -12.56 -9.05 -17.43
CA LYS A 269 -13.72 -9.42 -18.23
C LYS A 269 -15.01 -8.97 -17.58
N LYS A 270 -15.16 -9.14 -16.26
CA LYS A 270 -16.35 -8.70 -15.57
C LYS A 270 -16.47 -7.18 -15.58
N CYS A 271 -15.34 -6.48 -15.57
CA CYS A 271 -15.45 -5.02 -15.64
C CYS A 271 -15.91 -4.58 -17.03
N LYS A 272 -15.36 -5.23 -18.08
CA LYS A 272 -15.74 -4.91 -19.45
C LYS A 272 -17.26 -5.14 -19.60
N GLU A 273 -17.73 -6.24 -19.07
CA GLU A 273 -19.17 -6.51 -19.16
C GLU A 273 -19.95 -5.33 -18.50
N ALA A 274 -19.56 -4.94 -17.30
CA ALA A 274 -20.25 -3.89 -16.56
C ALA A 274 -20.34 -2.54 -17.29
N VAL A 275 -19.36 -2.24 -18.16
CA VAL A 275 -19.40 -0.96 -18.83
C VAL A 275 -19.81 -1.04 -20.29
N THR A 276 -20.27 -2.21 -20.71
CA THR A 276 -20.74 -2.36 -22.10
C THR A 276 -22.18 -2.89 -22.20
N ASN A 277 -22.93 -2.86 -21.09
CA ASN A 277 -24.35 -3.30 -21.07
C ASN A 277 -25.26 -2.30 -21.83
N ASP A 278 -26.43 -2.75 -22.26
CA ASP A 278 -27.34 -1.89 -23.00
C ASP A 278 -26.67 -1.04 -24.09
N GLY A 279 -25.84 -1.65 -24.93
CA GLY A 279 -25.19 -0.92 -26.01
C GLY A 279 -24.20 0.18 -25.66
N LYS A 280 -24.04 0.48 -24.38
CA LYS A 280 -23.10 1.53 -23.97
C LYS A 280 -21.66 1.12 -24.14
N ARG A 281 -20.76 2.12 -24.20
CA ARG A 281 -19.32 1.84 -24.35
C ARG A 281 -18.62 2.72 -23.35
N GLY A 282 -18.50 2.22 -22.12
CA GLY A 282 -17.85 2.97 -21.06
C GLY A 282 -16.35 2.72 -21.01
N LYS A 283 -15.77 2.81 -19.80
CA LYS A 283 -14.34 2.60 -19.66
C LYS A 283 -14.00 2.09 -18.25
N VAL A 284 -12.72 1.69 -18.11
CA VAL A 284 -12.23 1.19 -16.82
C VAL A 284 -11.01 2.02 -16.46
N THR A 285 -10.98 2.53 -15.25
CA THR A 285 -9.88 3.36 -14.74
C THR A 285 -9.18 2.60 -13.64
N ILE A 286 -7.87 2.45 -13.78
CA ILE A 286 -7.04 1.66 -12.88
C ILE A 286 -6.00 2.57 -12.20
N ILE A 287 -5.81 2.39 -10.89
CA ILE A 287 -4.74 3.09 -10.16
C ILE A 287 -3.86 1.99 -9.57
N ASP A 288 -2.59 1.95 -10.02
CA ASP A 288 -1.58 0.96 -9.54
C ASP A 288 -0.24 1.42 -10.12
N MET A 289 0.83 0.76 -9.66
CA MET A 289 2.15 1.13 -10.18
C MET A 289 2.38 0.70 -11.61
N VAL A 290 3.26 1.43 -12.29
CA VAL A 290 3.69 1.03 -13.63
C VAL A 290 5.22 1.10 -13.55
N ILE A 291 5.85 -0.05 -13.64
CA ILE A 291 7.33 -0.12 -13.62
C ILE A 291 7.82 0.39 -14.96
N ASP A 292 8.88 1.22 -14.96
CA ASP A 292 9.45 1.75 -16.19
C ASP A 292 10.94 2.02 -15.88
N LYS A 293 11.75 0.99 -16.13
CA LYS A 293 13.19 1.06 -15.85
C LYS A 293 13.90 2.15 -16.62
N LYS A 294 13.39 2.52 -17.77
CA LYS A 294 14.12 3.54 -18.49
C LYS A 294 13.68 4.96 -18.22
N LYS A 295 12.47 5.14 -17.71
CA LYS A 295 11.97 6.49 -17.45
C LYS A 295 12.06 6.92 -16.01
N ASP A 296 11.79 6.00 -15.10
CA ASP A 296 11.82 6.30 -13.69
C ASP A 296 13.24 6.49 -13.22
N GLU A 297 13.36 7.25 -12.15
CA GLU A 297 14.61 7.51 -11.48
C GLU A 297 14.94 6.16 -10.88
N ASN A 298 16.22 5.83 -10.80
CA ASN A 298 16.58 4.52 -10.27
C ASN A 298 16.00 4.20 -8.92
N GLN A 299 16.06 5.16 -8.00
CA GLN A 299 15.53 4.95 -6.66
C GLN A 299 14.06 4.51 -6.72
N VAL A 300 13.30 5.16 -7.60
CA VAL A 300 11.89 4.84 -7.74
C VAL A 300 11.70 3.44 -8.31
N THR A 301 12.46 3.11 -9.36
CA THR A 301 12.40 1.76 -9.94
C THR A 301 12.71 0.71 -8.86
N GLN A 302 13.70 0.97 -8.02
CA GLN A 302 14.04 -0.02 -7.01
C GLN A 302 12.91 -0.29 -5.99
N ILE A 303 12.20 0.74 -5.61
CA ILE A 303 11.08 0.52 -4.67
C ILE A 303 9.95 -0.26 -5.39
N LYS A 304 9.69 0.06 -6.64
CA LYS A 304 8.65 -0.67 -7.37
C LYS A 304 9.01 -2.17 -7.51
N LEU A 305 10.27 -2.45 -7.79
CA LEU A 305 10.75 -3.81 -7.91
C LEU A 305 10.65 -4.51 -6.56
N LEU A 306 10.89 -3.75 -5.49
CA LEU A 306 10.80 -4.32 -4.16
C LEU A 306 9.31 -4.64 -3.82
N MET A 307 8.41 -3.72 -4.19
CA MET A 307 6.98 -3.97 -3.94
C MET A 307 6.56 -5.22 -4.74
N ASP A 308 7.12 -5.36 -5.95
CA ASP A 308 6.76 -6.53 -6.78
C ASP A 308 7.12 -7.84 -6.06
N VAL A 309 8.32 -7.86 -5.46
CA VAL A 309 8.67 -9.08 -4.75
C VAL A 309 7.78 -9.28 -3.54
N ASN A 310 7.47 -8.20 -2.84
CA ASN A 310 6.59 -8.27 -1.67
C ASN A 310 5.18 -8.82 -1.98
N MET A 311 4.72 -8.61 -3.21
CA MET A 311 3.38 -9.10 -3.57
C MET A 311 3.20 -10.61 -3.63
N ALA A 312 4.26 -11.36 -3.34
CA ALA A 312 4.22 -12.82 -3.24
C ALA A 312 3.11 -13.15 -2.25
N CYS A 313 2.89 -12.27 -1.27
CA CYS A 313 1.84 -12.48 -0.27
C CYS A 313 0.50 -12.89 -0.89
N LEU A 314 0.13 -12.29 -2.03
CA LEU A 314 -1.15 -12.61 -2.68
C LEU A 314 -0.96 -13.13 -4.10
N ASN A 315 0.25 -13.57 -4.46
CA ASN A 315 0.58 -14.02 -5.82
C ASN A 315 0.36 -12.80 -6.73
N GLY A 316 0.52 -11.61 -6.16
CA GLY A 316 0.36 -10.40 -6.96
C GLY A 316 1.61 -10.02 -7.73
N LYS A 317 1.60 -8.83 -8.31
CA LYS A 317 2.71 -8.37 -9.16
C LYS A 317 2.63 -6.89 -9.43
N GLU A 318 3.76 -6.20 -9.60
CA GLU A 318 3.72 -4.79 -10.02
C GLU A 318 4.18 -4.91 -11.44
N ARG A 319 3.41 -4.34 -12.36
CA ARG A 319 3.66 -4.55 -13.76
C ARG A 319 4.26 -3.41 -14.54
N ASN A 320 5.02 -3.78 -15.57
CA ASN A 320 5.55 -2.74 -16.43
C ASN A 320 4.53 -2.51 -17.56
N GLU A 321 4.76 -1.53 -18.45
CA GLU A 321 3.80 -1.25 -19.51
C GLU A 321 3.51 -2.41 -20.44
N GLU A 322 4.50 -3.19 -20.82
CA GLU A 322 4.23 -4.33 -21.70
C GLU A 322 3.38 -5.39 -21.03
N GLU A 323 3.56 -5.58 -19.72
CA GLU A 323 2.75 -6.56 -18.99
C GLU A 323 1.29 -6.08 -18.91
N TRP A 324 1.11 -4.80 -18.60
CA TRP A 324 -0.22 -4.21 -18.55
C TRP A 324 -0.89 -4.35 -19.91
N LYS A 325 -0.19 -3.93 -20.97
CA LYS A 325 -0.72 -4.00 -22.35
C LYS A 325 -1.18 -5.41 -22.73
N LYS A 326 -0.36 -6.41 -22.42
CA LYS A 326 -0.71 -7.79 -22.73
C LYS A 326 -2.01 -8.23 -22.02
N LEU A 327 -2.22 -7.78 -20.79
CA LEU A 327 -3.48 -8.13 -20.08
C LEU A 327 -4.66 -7.44 -20.75
N PHE A 328 -4.49 -6.14 -21.03
CA PHE A 328 -5.60 -5.38 -21.64
C PHE A 328 -6.04 -5.98 -22.97
N ILE A 329 -5.06 -6.35 -23.77
CA ILE A 329 -5.38 -6.95 -25.07
C ILE A 329 -6.06 -8.27 -24.90
N GLU A 330 -5.53 -9.10 -24.00
CA GLU A 330 -6.13 -10.42 -23.81
C GLU A 330 -7.52 -10.30 -23.24
N ALA A 331 -7.82 -9.23 -22.47
CA ALA A 331 -9.16 -9.07 -21.92
C ALA A 331 -10.12 -8.39 -22.91
N GLY A 332 -9.62 -8.07 -24.11
CA GLY A 332 -10.51 -7.52 -25.12
C GLY A 332 -10.72 -6.02 -25.14
N PHE A 333 -9.81 -5.28 -24.54
CA PHE A 333 -9.86 -3.83 -24.57
C PHE A 333 -9.11 -3.39 -25.83
N GLN A 334 -9.58 -2.30 -26.43
CA GLN A 334 -9.00 -1.86 -27.71
C GLN A 334 -7.80 -0.93 -27.64
N HIS A 335 -7.77 -0.07 -26.63
CA HIS A 335 -6.60 0.78 -26.43
C HIS A 335 -6.58 1.26 -24.99
N TYR A 336 -5.44 1.79 -24.57
CA TYR A 336 -5.25 2.28 -23.22
C TYR A 336 -4.38 3.53 -23.17
N LYS A 337 -4.42 4.22 -22.06
CA LYS A 337 -3.63 5.41 -21.85
C LYS A 337 -3.12 5.40 -20.42
N ILE A 338 -1.84 5.72 -20.24
CA ILE A 338 -1.22 5.77 -18.91
C ILE A 338 -0.81 7.22 -18.61
N SER A 339 -1.11 7.72 -17.42
CA SER A 339 -0.74 9.08 -16.99
C SER A 339 -0.15 8.98 -15.59
N PRO A 340 0.76 9.89 -15.21
CA PRO A 340 1.29 9.80 -13.85
C PRO A 340 0.18 10.31 -12.92
N LEU A 341 0.07 9.77 -11.71
CA LEU A 341 -0.98 10.25 -10.80
C LEU A 341 -0.36 10.91 -9.56
N THR A 342 0.35 10.14 -8.74
CA THR A 342 0.99 10.74 -7.57
C THR A 342 1.98 9.75 -6.99
N GLY A 343 3.17 10.25 -6.63
CA GLY A 343 4.20 9.38 -6.06
C GLY A 343 4.51 8.15 -6.92
N PHE A 344 4.36 6.98 -6.33
CA PHE A 344 4.63 5.73 -7.01
C PHE A 344 3.51 5.29 -7.96
N LEU A 345 2.37 5.96 -7.96
CA LEU A 345 1.24 5.46 -8.76
C LEU A 345 0.92 6.11 -10.07
N SER A 346 0.37 5.33 -10.99
CA SER A 346 -0.12 5.85 -12.29
C SER A 346 -1.62 5.71 -12.40
N LEU A 347 -2.19 6.39 -13.38
CA LEU A 347 -3.63 6.33 -13.64
C LEU A 347 -3.67 5.70 -15.04
N ILE A 348 -4.35 4.57 -15.18
CA ILE A 348 -4.40 3.91 -16.47
C ILE A 348 -5.85 3.85 -16.89
N GLU A 349 -6.19 4.22 -18.13
CA GLU A 349 -7.60 4.09 -18.56
C GLU A 349 -7.63 3.13 -19.73
N ILE A 350 -8.60 2.20 -19.71
CA ILE A 350 -8.69 1.22 -20.78
C ILE A 350 -10.08 1.30 -21.40
N TYR A 351 -10.12 1.14 -22.72
CA TYR A 351 -11.38 1.36 -23.51
C TYR A 351 -11.78 0.11 -24.26
N PRO A 352 -12.99 -0.40 -23.96
CA PRO A 352 -13.51 -1.61 -24.60
C PRO A 352 -13.80 -1.61 -26.06
N SAH B . -9.80 0.29 -3.52
CA SAH B . -9.49 0.09 -2.03
CB SAH B . -8.93 -1.25 -1.85
CG SAH B . -8.50 -1.90 -0.61
SD SAH B . -7.75 -3.52 -0.91
C SAH B . -8.53 1.09 -1.60
O SAH B . -8.42 1.23 -0.35
OXT SAH B . -7.84 1.65 -2.50
C5' SAH B . -9.21 -4.20 -2.05
C4' SAH B . -9.80 -4.80 -1.73
O4' SAH B . -10.44 -5.70 -2.77
C3' SAH B . -10.48 -5.15 -0.39
O3' SAH B . -11.42 -4.09 0.00
C2' SAH B . -11.17 -6.44 -0.73
O2' SAH B . -12.27 -6.72 0.12
C1' SAH B . -11.37 -6.64 -2.16
N9 SAH B . -11.94 -7.68 -2.77
C8 SAH B . -11.22 -8.88 -2.72
N7 SAH B . -11.80 -9.82 -3.32
C5 SAH B . -12.94 -9.29 -3.83
C6 SAH B . -14.03 -9.90 -4.64
N6 SAH B . -14.03 -11.18 -4.99
N1 SAH B . -15.02 -9.05 -4.98
C2 SAH B . -15.05 -7.74 -4.61
N3 SAH B . -14.09 -7.12 -3.87
C4 SAH B . -13.07 -7.93 -3.51
C1 HMO C . -2.17 -3.73 -1.20
C2 HMO C . -0.85 -3.17 -1.16
C3 HMO C . 0.20 -3.70 -0.33
C4 HMO C . -0.11 -4.85 0.49
C5 HMO C . -1.44 -5.47 0.50
C6 HMO C . -2.45 -4.92 -0.35
C7 HMO C . 0.94 -5.38 1.39
C8 HMO C . 0.52 -6.56 2.25
C9 HMO C . -0.77 -7.07 2.14
O10 HMO C . -1.77 -6.55 1.27
C11 HMO C . 1.50 -7.10 3.19
C12 HMO C . 2.80 -7.58 2.76
C13 HMO C . 3.72 -8.09 3.70
C14 HMO C . 3.34 -8.12 5.17
C15 HMO C . 2.07 -7.66 5.59
C16 HMO C . 1.16 -7.15 4.68
O17 HMO C . 4.12 -8.57 6.04
O18 HMO C . 2.10 -4.82 1.40
O19 HMO C . -3.18 -3.14 -1.99
C20 HMO C . -4.45 -3.59 -2.00
#